data_8G65
#
_entry.id   8G65
#
_cell.length_a   89.440
_cell.length_b   89.440
_cell.length_c   165.760
_cell.angle_alpha   90.00
_cell.angle_beta   90.00
_cell.angle_gamma   90.00
#
_symmetry.space_group_name_H-M   'P 43 21 2'
#
loop_
_entity.id
_entity.type
_entity.pdbx_description
1 polymer 'Tyrosine-protein phosphatase non-receptor type 1'
2 non-polymer 4-(3,5-dimethyl-1H-pyrazol-1-yl)aniline
3 non-polymer 'MAGNESIUM ION'
4 non-polymer 'CHLORIDE ION'
5 non-polymer 'DIMETHYL SULFOXIDE'
6 water water
#
_entity_poly.entity_id   1
_entity_poly.type   'polypeptide(L)'
_entity_poly.pdbx_seq_one_letter_code
;MEMEKEFEQIDKSGSWAAIYQDIRHEASDFPCRVAKLPKNKNRNRYRDVSPFDHSRIKLHQEDNDYINASLIKMEEAQRS
YILTQGPLPNTCGHFWEMVWEQKSRGVVMLNRVMEKGSLKCAQYWPQKEEKEMIFEDTNLKLTLISEDIKSYYTVRQLEL
ENLTTQETREILHFHYTTWPDFGVPESPASFLNFLFKVRESGSLSPEHGPVVVHCSAGIGRSGTFCLADTCLLLMDKRKD
PSSVDIKKVLLEMRKFRMGLIQTADQLRFSYLAVIEGAKFIMGDSSVQDQWKELSHED
;
_entity_poly.pdbx_strand_id   A,B
#
loop_
_chem_comp.id
_chem_comp.type
_chem_comp.name
_chem_comp.formula
CL non-polymer 'CHLORIDE ION' 'Cl -1'
DMS non-polymer 'DIMETHYL SULFOXIDE' 'C2 H6 O S'
MG non-polymer 'MAGNESIUM ION' 'Mg 2'
YW9 non-polymer 4-(3,5-dimethyl-1H-pyrazol-1-yl)aniline 'C11 H13 N3'
#
# COMPACT_ATOMS: atom_id res chain seq x y z
N MET A 1 17.01 -0.84 13.95
CA MET A 1 16.71 0.64 13.85
C MET A 1 15.53 0.93 12.99
N GLU A 2 15.59 0.57 11.68
CA GLU A 2 14.42 0.70 10.75
C GLU A 2 13.34 -0.24 11.30
N MET A 3 12.10 0.28 11.30
CA MET A 3 11.00 -0.39 12.02
C MET A 3 10.82 -1.85 11.54
N GLU A 4 10.95 -1.94 10.24
CA GLU A 4 10.85 -3.21 9.60
C GLU A 4 11.98 -4.22 9.97
N LYS A 5 13.18 -3.73 10.21
CA LYS A 5 14.28 -4.61 10.60
C LYS A 5 14.15 -4.95 12.11
N GLU A 6 13.56 -4.04 12.95
CA GLU A 6 13.31 -4.40 14.33
C GLU A 6 12.24 -5.63 14.40
N PHE A 7 11.16 -5.44 13.58
CA PHE A 7 10.15 -6.42 13.41
C PHE A 7 10.71 -7.81 13.12
N GLU A 8 11.66 -7.87 12.13
CA GLU A 8 12.26 -9.16 11.78
C GLU A 8 13.00 -9.83 12.96
N GLN A 9 13.75 -9.00 13.70
CA GLN A 9 14.47 -9.51 14.85
C GLN A 9 13.58 -10.01 16.00
N ILE A 10 12.47 -9.26 16.21
CA ILE A 10 11.49 -9.68 17.29
C ILE A 10 10.77 -10.98 16.92
N ASP A 11 10.41 -11.12 15.60
CA ASP A 11 9.83 -12.37 15.15
C ASP A 11 10.82 -13.56 15.30
N LYS A 12 12.12 -13.34 14.92
CA LYS A 12 13.10 -14.44 15.01
C LYS A 12 13.38 -14.93 16.43
N SER A 13 13.40 -13.95 17.36
CA SER A 13 13.65 -14.25 18.77
C SER A 13 12.37 -14.71 19.49
N GLY A 14 11.16 -14.51 18.91
CA GLY A 14 9.93 -14.83 19.59
C GLY A 14 9.71 -13.95 20.85
N SER A 15 10.02 -12.68 20.72
CA SER A 15 10.01 -11.82 21.94
CA SER A 15 10.08 -11.69 21.84
C SER A 15 8.84 -10.83 22.07
N TRP A 16 7.78 -11.06 21.25
CA TRP A 16 6.55 -10.22 21.42
C TRP A 16 5.96 -10.18 22.82
N ALA A 17 5.86 -11.34 23.46
CA ALA A 17 5.32 -11.39 24.87
C ALA A 17 6.19 -10.58 25.84
N ALA A 18 7.54 -10.69 25.72
CA ALA A 18 8.41 -9.99 26.66
C ALA A 18 8.27 -8.47 26.50
N ILE A 19 8.19 -7.99 25.24
CA ILE A 19 8.08 -6.54 24.96
C ILE A 19 6.73 -6.03 25.50
N TYR A 20 5.66 -6.79 25.20
CA TYR A 20 4.33 -6.44 25.71
C TYR A 20 4.33 -6.40 27.30
N GLN A 21 4.95 -7.35 27.98
CA GLN A 21 5.02 -7.29 29.41
C GLN A 21 5.86 -6.09 29.90
N ASP A 22 6.93 -5.73 29.21
CA ASP A 22 7.70 -4.48 29.57
C ASP A 22 6.80 -3.19 29.53
N ILE A 23 6.04 -3.09 28.43
CA ILE A 23 5.03 -2.03 28.31
C ILE A 23 4.04 -1.98 29.50
N ARG A 24 3.50 -3.11 29.83
CA ARG A 24 2.57 -3.22 30.96
C ARG A 24 3.21 -2.72 32.28
N HIS A 25 4.45 -3.13 32.50
CA HIS A 25 5.17 -2.68 33.74
C HIS A 25 5.55 -1.20 33.74
N GLU A 26 5.89 -0.64 32.58
CA GLU A 26 6.26 0.74 32.47
C GLU A 26 5.13 1.79 32.43
N ALA A 27 3.89 1.33 32.08
CA ALA A 27 2.81 2.18 31.90
C ALA A 27 2.41 3.06 33.12
N SER A 28 1.95 4.27 32.81
CA SER A 28 1.44 5.23 33.77
C SER A 28 0.30 4.64 34.60
N ASP A 29 0.21 5.14 35.82
CA ASP A 29 -0.94 4.87 36.80
C ASP A 29 -1.43 6.20 37.41
N PHE A 30 -2.69 6.52 37.18
CA PHE A 30 -3.28 7.73 37.67
C PHE A 30 -4.64 7.34 38.32
N PRO A 31 -5.16 8.22 39.19
CA PRO A 31 -6.41 7.83 39.88
C PRO A 31 -7.67 7.91 38.93
N CYS A 32 -8.60 6.99 39.25
CA CYS A 32 -9.92 6.92 38.62
CA CYS A 32 -9.93 6.89 38.62
C CYS A 32 -11.05 6.99 39.69
N ARG A 33 -10.96 8.02 40.54
CA ARG A 33 -11.94 8.14 41.64
C ARG A 33 -13.43 8.19 41.20
N VAL A 34 -13.71 9.06 40.22
CA VAL A 34 -15.08 9.21 39.76
C VAL A 34 -15.64 7.88 39.23
N ALA A 35 -14.89 7.14 38.39
CA ALA A 35 -15.36 5.86 37.85
C ALA A 35 -15.79 4.81 38.89
N LYS A 36 -15.12 4.89 40.08
CA LYS A 36 -15.27 3.97 41.17
C LYS A 36 -16.35 4.37 42.22
N LEU A 37 -16.99 5.50 42.01
CA LEU A 37 -18.11 5.88 42.94
C LEU A 37 -19.21 4.80 42.88
N PRO A 38 -19.83 4.50 43.99
CA PRO A 38 -20.90 3.47 43.89
C PRO A 38 -22.05 3.77 42.91
N LYS A 39 -22.42 5.03 42.77
CA LYS A 39 -23.52 5.31 41.79
C LYS A 39 -23.18 5.12 40.32
N ASN A 40 -21.90 4.97 40.01
CA ASN A 40 -21.49 4.74 38.64
C ASN A 40 -21.27 3.25 38.27
N LYS A 41 -21.53 2.30 39.16
CA LYS A 41 -21.28 0.92 38.92
C LYS A 41 -21.94 0.47 37.59
N ASN A 42 -23.20 0.82 37.38
CA ASN A 42 -23.95 0.36 36.21
C ASN A 42 -23.58 1.18 34.95
N ARG A 43 -22.63 2.10 35.01
CA ARG A 43 -22.12 2.83 33.84
C ARG A 43 -20.76 2.28 33.29
N ASN A 44 -20.24 1.22 33.94
CA ASN A 44 -18.97 0.53 33.49
C ASN A 44 -19.28 -0.88 33.14
N ARG A 45 -18.71 -1.27 31.94
CA ARG A 45 -18.80 -2.66 31.48
C ARG A 45 -17.95 -3.61 32.36
N TYR A 46 -16.79 -3.09 32.79
CA TYR A 46 -15.82 -3.92 33.56
C TYR A 46 -15.21 -3.17 34.76
N ARG A 47 -15.14 -3.79 35.94
CA ARG A 47 -14.52 -3.07 37.14
C ARG A 47 -13.07 -2.60 37.00
N ASP A 48 -12.35 -3.29 36.16
CA ASP A 48 -10.93 -3.01 35.98
C ASP A 48 -10.54 -2.26 34.66
N VAL A 49 -11.54 -1.72 33.96
CA VAL A 49 -11.35 -0.82 32.84
C VAL A 49 -12.05 0.51 33.11
N SER A 50 -11.29 1.53 33.51
CA SER A 50 -11.85 2.83 33.95
C SER A 50 -11.10 3.95 33.33
N PRO A 51 -11.69 5.08 33.03
CA PRO A 51 -10.99 6.28 32.62
C PRO A 51 -10.33 7.00 33.78
N PHE A 52 -9.11 7.54 33.53
CA PHE A 52 -8.45 8.38 34.52
C PHE A 52 -9.25 9.69 34.71
N ASP A 53 -9.23 10.17 35.98
CA ASP A 53 -9.80 11.46 36.27
C ASP A 53 -9.36 12.61 35.37
N HIS A 54 -8.02 12.68 35.08
CA HIS A 54 -7.47 13.84 34.43
C HIS A 54 -7.91 13.99 32.98
N SER A 55 -8.21 12.84 32.37
CA SER A 55 -8.51 12.79 30.92
C SER A 55 -9.95 12.36 30.59
N ARG A 56 -10.80 12.13 31.60
CA ARG A 56 -12.16 11.64 31.32
C ARG A 56 -13.01 12.71 30.67
N ILE A 57 -13.94 12.26 29.80
CA ILE A 57 -14.89 13.16 29.18
C ILE A 57 -16.06 13.38 30.20
N LYS A 58 -16.37 14.63 30.40
CA LYS A 58 -17.56 15.04 31.29
C LYS A 58 -18.80 15.34 30.43
N LEU A 59 -19.92 14.71 30.83
CA LEU A 59 -21.20 15.07 30.26
C LEU A 59 -21.67 16.44 30.84
N HIS A 60 -22.35 17.26 30.01
CA HIS A 60 -22.75 18.63 30.42
C HIS A 60 -24.14 18.79 30.97
N GLN A 61 -24.92 17.80 31.05
CA GLN A 61 -26.32 17.96 31.34
C GLN A 61 -26.47 17.99 32.84
N GLU A 62 -27.64 18.47 33.30
CA GLU A 62 -27.81 18.56 34.73
C GLU A 62 -28.12 17.18 35.26
N ASP A 63 -27.13 16.60 35.91
CA ASP A 63 -27.17 15.20 36.24
C ASP A 63 -25.74 14.76 36.28
N ASN A 64 -25.60 13.57 36.82
CA ASN A 64 -24.38 12.81 36.85
C ASN A 64 -23.60 13.09 35.55
N ASP A 65 -22.34 13.53 35.68
CA ASP A 65 -21.51 13.90 34.49
C ASP A 65 -20.69 12.68 33.95
N TYR A 66 -20.88 11.50 34.49
CA TYR A 66 -19.92 10.33 34.28
C TYR A 66 -20.24 9.47 33.01
N ILE A 67 -19.23 9.33 32.14
CA ILE A 67 -19.26 8.32 31.06
C ILE A 67 -17.87 7.63 31.01
N ASN A 68 -17.83 6.30 30.69
CA ASN A 68 -16.54 5.64 30.53
C ASN A 68 -15.91 6.00 29.16
N ALA A 69 -15.20 7.10 29.12
CA ALA A 69 -14.66 7.70 27.87
C ALA A 69 -13.44 8.59 28.22
N SER A 70 -12.40 8.63 27.39
CA SER A 70 -11.12 9.32 27.70
C SER A 70 -10.72 10.15 26.50
N LEU A 71 -10.24 11.38 26.64
CA LEU A 71 -9.64 12.14 25.59
C LEU A 71 -8.12 11.86 25.43
N ILE A 72 -7.71 11.28 24.30
CA ILE A 72 -6.29 11.02 23.97
CA ILE A 72 -6.28 10.99 23.95
C ILE A 72 -5.83 12.19 23.12
N LYS A 73 -4.90 13.05 23.65
CA LYS A 73 -4.43 14.26 22.98
CA LYS A 73 -4.44 14.24 22.97
C LYS A 73 -2.96 14.02 22.57
N MET A 74 -2.67 13.74 21.24
CA MET A 74 -1.36 13.45 20.78
C MET A 74 -0.75 14.80 20.20
N GLU A 75 0.03 15.52 21.03
CA GLU A 75 0.45 16.88 20.71
CA GLU A 75 0.54 16.86 20.78
C GLU A 75 1.46 16.88 19.52
N GLU A 76 2.43 15.96 19.48
CA GLU A 76 3.42 15.96 18.37
C GLU A 76 2.71 15.58 17.04
N ALA A 77 1.80 14.61 17.09
CA ALA A 77 1.10 14.24 15.82
C ALA A 77 -0.01 15.21 15.40
N GLN A 78 -0.48 16.03 16.37
CA GLN A 78 -1.52 17.06 16.09
C GLN A 78 -2.89 16.39 15.78
N ARG A 79 -3.23 15.36 16.55
CA ARG A 79 -4.56 14.74 16.50
C ARG A 79 -5.01 14.31 17.87
N SER A 80 -6.35 14.33 18.06
CA SER A 80 -6.95 13.80 19.23
C SER A 80 -8.04 12.79 18.92
N TYR A 81 -8.33 11.92 19.88
CA TYR A 81 -9.34 10.83 19.75
C TYR A 81 -10.09 10.70 21.06
N ILE A 82 -11.40 10.35 21.06
CA ILE A 82 -12.07 9.89 22.28
C ILE A 82 -12.16 8.38 22.24
N LEU A 83 -11.58 7.68 23.15
CA LEU A 83 -11.74 6.24 23.32
C LEU A 83 -12.72 5.88 24.34
N THR A 84 -13.67 5.06 24.00
CA THR A 84 -14.80 4.75 24.93
C THR A 84 -15.19 3.27 24.85
N GLN A 85 -15.87 2.73 25.82
CA GLN A 85 -16.42 1.35 25.80
C GLN A 85 -17.65 1.37 24.81
N GLY A 86 -17.97 0.18 24.31
CA GLY A 86 -19.24 0.02 23.64
C GLY A 86 -20.40 0.36 24.59
N PRO A 87 -21.37 1.14 24.09
CA PRO A 87 -22.41 1.55 25.06
C PRO A 87 -23.18 0.32 25.63
N LEU A 88 -23.66 0.55 26.84
CA LEU A 88 -24.49 -0.45 27.55
C LEU A 88 -26.02 -0.06 27.23
N PRO A 89 -26.96 -0.96 27.50
CA PRO A 89 -28.43 -0.60 27.31
C PRO A 89 -28.86 0.68 27.98
N ASN A 90 -28.26 1.02 29.12
CA ASN A 90 -28.62 2.25 29.90
C ASN A 90 -27.67 3.43 29.66
N THR A 91 -26.66 3.28 28.77
CA THR A 91 -25.79 4.45 28.47
C THR A 91 -25.74 4.87 26.98
N CYS A 92 -26.74 4.43 26.17
CA CYS A 92 -26.81 4.84 24.76
C CYS A 92 -27.10 6.35 24.62
N GLY A 93 -28.06 6.84 25.53
CA GLY A 93 -28.33 8.27 25.53
C GLY A 93 -27.10 9.10 25.89
N HIS A 94 -26.38 8.60 26.93
CA HIS A 94 -25.08 9.29 27.36
C HIS A 94 -24.04 9.36 26.21
N PHE A 95 -24.02 8.27 25.43
CA PHE A 95 -23.04 8.19 24.33
C PHE A 95 -23.31 9.26 23.24
N TRP A 96 -24.61 9.32 22.80
CA TRP A 96 -24.96 10.35 21.81
C TRP A 96 -24.88 11.76 22.35
N GLU A 97 -25.19 11.93 23.66
CA GLU A 97 -24.95 13.27 24.30
C GLU A 97 -23.44 13.71 24.19
N MET A 98 -22.56 12.74 24.49
CA MET A 98 -21.11 13.04 24.28
C MET A 98 -20.72 13.40 22.86
N VAL A 99 -21.26 12.60 21.91
CA VAL A 99 -21.00 12.96 20.46
C VAL A 99 -21.44 14.38 20.17
N TRP A 100 -22.70 14.67 20.61
CA TRP A 100 -23.21 16.02 20.42
C TRP A 100 -22.34 17.13 20.99
N GLU A 101 -22.11 16.98 22.29
CA GLU A 101 -21.39 18.04 23.07
C GLU A 101 -19.93 18.23 22.62
N GLN A 102 -19.29 17.13 22.20
CA GLN A 102 -17.85 17.25 21.83
C GLN A 102 -17.73 17.61 20.32
N LYS A 103 -18.84 17.70 19.56
CA LYS A 103 -18.80 18.16 18.16
CA LYS A 103 -18.81 18.14 18.16
C LYS A 103 -18.10 17.17 17.20
N SER A 104 -18.14 15.89 17.56
CA SER A 104 -17.58 14.83 16.71
C SER A 104 -18.31 14.71 15.35
N ARG A 105 -17.56 14.39 14.28
CA ARG A 105 -18.14 14.08 12.94
C ARG A 105 -18.24 12.63 12.70
N GLY A 106 -17.31 11.84 13.21
CA GLY A 106 -17.25 10.42 12.98
C GLY A 106 -17.32 9.59 14.23
N VAL A 107 -17.85 8.37 14.12
CA VAL A 107 -17.84 7.31 15.07
C VAL A 107 -17.23 6.09 14.44
N VAL A 108 -16.22 5.48 15.09
CA VAL A 108 -15.53 4.31 14.61
C VAL A 108 -15.82 3.12 15.53
N MET A 109 -16.39 2.09 14.99
CA MET A 109 -16.77 0.84 15.66
C MET A 109 -15.97 -0.37 15.20
N LEU A 110 -15.31 -1.09 16.12
CA LEU A 110 -14.39 -2.19 15.75
C LEU A 110 -14.85 -3.59 16.26
N ASN A 111 -16.15 -3.75 16.51
CA ASN A 111 -16.69 -4.96 17.01
C ASN A 111 -18.14 -5.12 16.31
N ARG A 112 -18.69 -6.32 16.50
CA ARG A 112 -20.12 -6.57 16.25
C ARG A 112 -20.89 -6.64 17.55
N VAL A 113 -22.17 -6.33 17.46
CA VAL A 113 -23.03 -6.33 18.66
C VAL A 113 -22.99 -7.73 19.39
N MET A 114 -23.05 -8.82 18.61
CA MET A 114 -22.96 -10.17 19.12
C MET A 114 -21.74 -10.87 18.53
N GLU A 115 -20.93 -11.45 19.40
CA GLU A 115 -19.74 -12.21 18.96
C GLU A 115 -19.64 -13.46 19.83
N LYS A 116 -19.37 -14.64 19.21
CA LYS A 116 -19.34 -15.91 19.94
C LYS A 116 -20.56 -16.11 20.83
N GLY A 117 -21.73 -15.66 20.35
CA GLY A 117 -22.99 -15.81 21.11
C GLY A 117 -23.17 -14.89 22.33
N SER A 118 -22.31 -13.90 22.50
CA SER A 118 -22.45 -13.02 23.65
CA SER A 118 -22.34 -12.97 23.67
C SER A 118 -22.52 -11.53 23.22
N LEU A 119 -23.21 -10.74 24.05
CA LEU A 119 -23.51 -9.33 23.69
C LEU A 119 -22.30 -8.51 24.05
N LYS A 120 -21.76 -7.81 23.09
CA LYS A 120 -20.56 -7.05 23.33
C LYS A 120 -20.74 -5.52 23.39
N CYS A 121 -21.90 -5.07 22.88
CA CYS A 121 -22.32 -3.67 22.80
C CYS A 121 -23.84 -3.66 22.58
N ALA A 122 -24.51 -2.61 23.05
CA ALA A 122 -25.92 -2.43 22.77
C ALA A 122 -26.08 -2.02 21.25
N GLN A 123 -27.33 -2.18 20.77
CA GLN A 123 -27.71 -1.77 19.41
C GLN A 123 -28.06 -0.28 19.54
N TYR A 124 -27.08 0.59 19.43
CA TYR A 124 -27.16 2.01 19.75
C TYR A 124 -27.54 2.92 18.59
N TRP A 125 -27.71 2.31 17.37
CA TRP A 125 -28.07 3.09 16.21
C TRP A 125 -29.25 2.30 15.48
N PRO A 126 -30.04 3.04 14.67
CA PRO A 126 -31.20 2.38 14.01
C PRO A 126 -30.76 1.58 12.80
N GLN A 127 -31.37 0.44 12.64
CA GLN A 127 -31.09 -0.46 11.44
C GLN A 127 -31.94 -0.16 10.22
N LYS A 128 -33.05 0.53 10.41
CA LYS A 128 -34.03 0.77 9.30
C LYS A 128 -34.31 2.28 9.30
N GLU A 129 -34.27 2.90 8.13
CA GLU A 129 -34.62 4.27 7.85
C GLU A 129 -35.91 4.72 8.56
N GLU A 130 -36.98 3.91 8.35
CA GLU A 130 -38.32 4.23 8.88
C GLU A 130 -38.52 3.98 10.37
N LYS A 131 -37.51 3.48 11.12
CA LYS A 131 -37.65 3.22 12.53
C LYS A 131 -36.51 3.97 13.32
N GLU A 132 -36.67 5.28 13.44
CA GLU A 132 -35.78 6.13 14.19
C GLU A 132 -35.75 5.77 15.69
N MET A 133 -34.68 6.23 16.37
CA MET A 133 -34.48 6.05 17.83
C MET A 133 -34.62 7.37 18.52
N ILE A 134 -35.35 7.35 19.65
CA ILE A 134 -35.37 8.53 20.55
C ILE A 134 -34.73 8.15 21.94
N PHE A 135 -33.81 8.99 22.39
CA PHE A 135 -33.17 8.84 23.70
C PHE A 135 -33.83 9.85 24.63
N GLU A 136 -34.80 9.38 25.40
CA GLU A 136 -35.64 10.36 26.19
C GLU A 136 -34.87 11.04 27.26
N ASP A 137 -33.92 10.31 27.90
CA ASP A 137 -33.13 10.86 29.06
C ASP A 137 -32.25 12.07 28.67
N THR A 138 -31.72 12.03 27.41
CA THR A 138 -30.83 13.13 26.93
C THR A 138 -31.41 13.99 25.80
N ASN A 139 -32.72 13.76 25.51
CA ASN A 139 -33.52 14.54 24.57
C ASN A 139 -32.83 14.66 23.15
N LEU A 140 -32.50 13.47 22.65
CA LEU A 140 -31.84 13.30 21.30
C LEU A 140 -32.66 12.35 20.40
N LYS A 141 -32.74 12.68 19.11
CA LYS A 141 -33.35 11.76 18.03
C LYS A 141 -32.26 11.38 17.02
N LEU A 142 -32.27 10.10 16.65
CA LEU A 142 -31.26 9.59 15.69
C LEU A 142 -32.01 8.79 14.54
N THR A 143 -31.68 9.18 13.31
CA THR A 143 -32.26 8.56 12.13
C THR A 143 -31.14 7.96 11.20
N LEU A 144 -31.39 6.76 10.69
CA LEU A 144 -30.55 6.25 9.60
C LEU A 144 -30.89 6.89 8.26
N ILE A 145 -29.99 7.62 7.60
CA ILE A 145 -30.19 8.26 6.32
C ILE A 145 -29.83 7.35 5.17
N SER A 146 -28.69 6.67 5.28
CA SER A 146 -28.25 5.65 4.25
C SER A 146 -27.14 4.76 4.74
N GLU A 147 -26.89 3.65 4.08
CA GLU A 147 -25.66 2.86 4.38
C GLU A 147 -25.09 2.16 3.20
N ASP A 148 -23.80 1.91 3.20
CA ASP A 148 -23.08 1.27 2.11
C ASP A 148 -22.31 0.09 2.66
N ILE A 149 -22.82 -1.13 2.44
CA ILE A 149 -22.31 -2.33 2.96
C ILE A 149 -21.32 -2.95 2.06
N LYS A 150 -20.03 -3.11 2.50
CA LYS A 150 -19.01 -3.78 1.72
C LYS A 150 -18.53 -5.02 2.40
N SER A 151 -17.56 -5.75 1.82
CA SER A 151 -17.26 -7.07 2.38
C SER A 151 -16.57 -7.02 3.74
N TYR A 152 -15.86 -5.96 4.05
CA TYR A 152 -15.01 -5.93 5.29
C TYR A 152 -15.49 -4.81 6.19
N TYR A 153 -16.37 -3.90 5.75
CA TYR A 153 -16.80 -2.80 6.63
C TYR A 153 -18.03 -2.15 6.03
N THR A 154 -18.81 -1.47 6.83
CA THR A 154 -19.98 -0.70 6.42
C THR A 154 -19.87 0.75 6.79
N VAL A 155 -20.30 1.70 5.99
CA VAL A 155 -20.28 3.13 6.28
C VAL A 155 -21.73 3.69 6.30
N ARG A 156 -22.23 4.30 7.40
CA ARG A 156 -23.58 4.88 7.49
C ARG A 156 -23.57 6.36 7.62
N GLN A 157 -24.62 6.97 7.12
CA GLN A 157 -24.90 8.36 7.30
C GLN A 157 -26.08 8.37 8.27
N LEU A 158 -25.90 9.03 9.40
CA LEU A 158 -26.87 9.21 10.46
C LEU A 158 -27.18 10.71 10.60
N GLU A 159 -28.47 11.01 10.96
CA GLU A 159 -28.85 12.37 11.34
C GLU A 159 -29.14 12.43 12.88
N LEU A 160 -28.38 13.29 13.62
CA LEU A 160 -28.57 13.40 15.07
C LEU A 160 -29.23 14.80 15.30
N GLU A 161 -30.39 14.76 16.01
CA GLU A 161 -31.12 16.01 16.28
C GLU A 161 -31.20 16.25 17.83
N ASN A 162 -30.82 17.46 18.24
CA ASN A 162 -31.13 17.96 19.61
C ASN A 162 -32.54 18.41 19.68
N LEU A 163 -33.38 17.63 20.35
CA LEU A 163 -34.84 17.96 20.42
C LEU A 163 -35.15 19.24 21.22
N THR A 164 -34.24 19.63 22.12
CA THR A 164 -34.41 20.92 22.91
C THR A 164 -34.38 22.15 22.02
N THR A 165 -33.57 22.10 20.95
CA THR A 165 -33.38 23.23 20.06
C THR A 165 -33.86 23.02 18.62
N GLN A 166 -33.98 21.74 18.23
CA GLN A 166 -34.27 21.29 16.81
C GLN A 166 -33.10 21.45 15.86
N GLU A 167 -31.91 21.71 16.41
CA GLU A 167 -30.68 21.69 15.61
CA GLU A 167 -30.69 21.70 15.55
C GLU A 167 -30.37 20.24 15.20
N THR A 168 -29.87 20.06 13.96
CA THR A 168 -29.51 18.73 13.44
C THR A 168 -28.06 18.73 12.90
N ARG A 169 -27.48 17.54 12.96
CA ARG A 169 -26.07 17.27 12.44
C ARG A 169 -25.96 15.95 11.77
N GLU A 170 -25.13 15.90 10.74
CA GLU A 170 -24.82 14.63 10.10
C GLU A 170 -23.58 13.99 10.77
N ILE A 171 -23.72 12.73 11.16
CA ILE A 171 -22.68 11.92 11.75
C ILE A 171 -22.33 10.75 10.86
N LEU A 172 -21.06 10.48 10.61
CA LEU A 172 -20.63 9.30 9.81
C LEU A 172 -20.28 8.14 10.71
N HIS A 173 -20.81 6.96 10.52
CA HIS A 173 -20.58 5.73 11.29
C HIS A 173 -19.71 4.77 10.48
N PHE A 174 -18.45 4.50 10.87
CA PHE A 174 -17.55 3.62 10.19
C PHE A 174 -17.49 2.34 11.00
N HIS A 175 -18.00 1.25 10.50
CA HIS A 175 -18.15 0.00 11.21
C HIS A 175 -17.33 -1.11 10.60
N TYR A 176 -16.22 -1.49 11.20
CA TYR A 176 -15.40 -2.65 10.77
C TYR A 176 -16.04 -3.89 11.29
N THR A 177 -16.60 -4.69 10.34
CA THR A 177 -17.49 -5.83 10.68
C THR A 177 -16.87 -7.22 10.65
N THR A 178 -15.49 -7.27 10.47
CA THR A 178 -14.82 -8.54 10.17
C THR A 178 -13.63 -8.85 11.04
N TRP A 179 -13.52 -8.18 12.20
CA TRP A 179 -12.50 -8.58 13.19
C TRP A 179 -12.75 -9.99 13.71
N PRO A 180 -11.74 -10.88 13.64
CA PRO A 180 -11.94 -12.33 13.99
C PRO A 180 -12.37 -12.59 15.40
N ASP A 181 -13.03 -13.72 15.61
CA ASP A 181 -13.47 -14.09 16.95
C ASP A 181 -12.39 -14.29 17.94
N PHE A 182 -11.29 -14.87 17.45
CA PHE A 182 -10.10 -15.07 18.23
C PHE A 182 -8.91 -14.41 17.56
N GLY A 183 -8.01 -13.88 18.36
CA GLY A 183 -6.82 -13.23 17.77
C GLY A 183 -7.06 -11.96 16.97
N VAL A 184 -6.16 -11.78 16.03
CA VAL A 184 -6.06 -10.60 15.22
C VAL A 184 -6.09 -11.01 13.73
N PRO A 185 -6.43 -10.06 12.85
CA PRO A 185 -6.43 -10.38 11.38
C PRO A 185 -5.07 -10.88 10.87
N GLU A 186 -5.08 -11.94 10.04
CA GLU A 186 -3.85 -12.44 9.35
C GLU A 186 -3.02 -11.37 8.66
N SER A 187 -3.73 -10.57 7.89
CA SER A 187 -3.19 -9.47 7.09
C SER A 187 -3.84 -8.15 7.56
N PRO A 188 -3.07 -7.06 7.63
CA PRO A 188 -3.65 -5.76 7.93
C PRO A 188 -4.28 -5.05 6.77
N ALA A 189 -4.36 -5.67 5.56
CA ALA A 189 -4.92 -4.94 4.38
C ALA A 189 -6.30 -4.29 4.55
N SER A 190 -7.28 -5.12 5.00
CA SER A 190 -8.64 -4.62 5.17
CA SER A 190 -8.64 -4.62 5.17
C SER A 190 -8.74 -3.52 6.26
N PHE A 191 -7.98 -3.67 7.35
CA PHE A 191 -7.91 -2.63 8.42
C PHE A 191 -7.36 -1.32 7.91
N LEU A 192 -6.26 -1.43 7.11
CA LEU A 192 -5.73 -0.23 6.48
C LEU A 192 -6.67 0.46 5.51
N ASN A 193 -7.35 -0.37 4.66
CA ASN A 193 -8.34 0.20 3.70
C ASN A 193 -9.44 0.96 4.49
N PHE A 194 -9.83 0.39 5.63
CA PHE A 194 -10.78 1.03 6.54
C PHE A 194 -10.27 2.37 7.18
N LEU A 195 -9.05 2.29 7.72
CA LEU A 195 -8.47 3.54 8.24
C LEU A 195 -8.37 4.65 7.20
N PHE A 196 -7.94 4.28 5.97
CA PHE A 196 -7.83 5.27 4.88
C PHE A 196 -9.20 5.84 4.48
N LYS A 197 -10.23 5.02 4.56
CA LYS A 197 -11.59 5.56 4.27
C LYS A 197 -12.07 6.58 5.32
N VAL A 198 -11.72 6.28 6.59
CA VAL A 198 -12.00 7.21 7.64
C VAL A 198 -11.30 8.55 7.41
N ARG A 199 -9.98 8.49 7.16
CA ARG A 199 -9.27 9.70 6.81
C ARG A 199 -9.88 10.51 5.62
N GLU A 200 -10.15 9.81 4.52
CA GLU A 200 -10.69 10.38 3.29
CA GLU A 200 -10.68 10.44 3.31
C GLU A 200 -12.01 11.14 3.50
N SER A 201 -12.75 10.72 4.54
CA SER A 201 -14.12 11.31 4.83
C SER A 201 -14.07 12.70 5.39
N GLY A 202 -12.89 13.10 5.92
CA GLY A 202 -12.72 14.36 6.57
C GLY A 202 -12.99 14.32 8.09
N SER A 203 -13.37 13.16 8.61
CA SER A 203 -13.80 13.04 10.01
C SER A 203 -12.70 13.28 11.06
N LEU A 204 -11.43 13.12 10.64
CA LEU A 204 -10.25 13.37 11.47
C LEU A 204 -9.66 14.75 11.28
N SER A 205 -10.30 15.64 10.55
CA SER A 205 -9.72 16.94 10.33
C SER A 205 -9.93 17.84 11.49
N PRO A 206 -9.05 18.85 11.62
CA PRO A 206 -9.16 19.68 12.86
C PRO A 206 -10.31 20.60 12.88
N GLU A 207 -11.03 20.71 11.75
CA GLU A 207 -12.38 21.44 11.70
C GLU A 207 -13.43 20.87 12.70
N HIS A 208 -13.32 19.57 13.06
CA HIS A 208 -14.24 18.85 13.89
C HIS A 208 -13.75 18.57 15.30
N GLY A 209 -14.72 18.21 16.17
CA GLY A 209 -14.36 17.56 17.45
C GLY A 209 -13.67 16.22 17.24
N PRO A 210 -13.07 15.62 18.30
CA PRO A 210 -12.34 14.34 18.16
C PRO A 210 -13.23 13.23 17.67
N VAL A 211 -12.74 12.38 16.78
CA VAL A 211 -13.47 11.12 16.40
C VAL A 211 -13.69 10.31 17.66
N VAL A 212 -14.84 9.62 17.77
CA VAL A 212 -15.11 8.65 18.74
C VAL A 212 -14.82 7.28 18.33
N VAL A 213 -14.00 6.55 19.04
CA VAL A 213 -13.56 5.20 18.70
C VAL A 213 -13.93 4.21 19.80
N HIS A 214 -14.53 3.09 19.48
CA HIS A 214 -14.84 2.08 20.42
C HIS A 214 -14.77 0.64 19.95
N CYS A 215 -14.61 -0.27 20.87
CA CYS A 215 -14.81 -1.70 20.68
C CYS A 215 -15.78 -2.20 21.78
N SER A 216 -15.54 -3.28 22.46
CA SER A 216 -16.33 -3.63 23.66
C SER A 216 -15.86 -2.89 24.93
N ALA A 217 -14.58 -3.10 25.26
CA ALA A 217 -14.00 -2.45 26.48
C ALA A 217 -13.41 -1.04 26.14
N GLY A 218 -13.07 -0.77 24.87
CA GLY A 218 -12.53 0.55 24.50
C GLY A 218 -11.01 0.73 24.77
N ILE A 219 -10.28 -0.42 24.76
CA ILE A 219 -8.85 -0.37 25.02
C ILE A 219 -7.96 -1.24 24.07
N GLY A 220 -8.47 -2.38 23.61
CA GLY A 220 -7.71 -3.35 22.84
C GLY A 220 -7.73 -3.07 21.33
N ARG A 221 -8.82 -3.52 20.67
CA ARG A 221 -8.95 -3.11 19.22
C ARG A 221 -8.92 -1.64 18.95
N SER A 222 -9.64 -0.89 19.81
CA SER A 222 -9.64 0.59 19.77
CA SER A 222 -9.67 0.56 19.62
C SER A 222 -8.23 1.18 19.82
N GLY A 223 -7.41 0.61 20.75
CA GLY A 223 -6.00 1.04 20.89
C GLY A 223 -5.25 0.84 19.57
N THR A 224 -5.51 -0.28 18.87
CA THR A 224 -4.73 -0.55 17.64
CA THR A 224 -4.72 -0.54 17.62
C THR A 224 -4.97 0.52 16.58
N PHE A 225 -6.29 0.87 16.46
CA PHE A 225 -6.68 1.92 15.52
C PHE A 225 -5.97 3.28 15.76
N CYS A 226 -6.11 3.77 17.00
CA CYS A 226 -5.50 5.02 17.28
CA CYS A 226 -5.46 5.06 17.24
CA CYS A 226 -5.46 5.00 17.43
C CYS A 226 -3.92 5.00 17.21
N LEU A 227 -3.33 3.92 17.68
CA LEU A 227 -1.84 3.79 17.63
C LEU A 227 -1.31 3.76 16.14
N ALA A 228 -2.04 3.00 15.27
CA ALA A 228 -1.60 2.94 13.88
C ALA A 228 -1.68 4.31 13.20
N ASP A 229 -2.84 4.99 13.38
CA ASP A 229 -3.05 6.27 12.82
C ASP A 229 -1.99 7.33 13.23
N THR A 230 -1.75 7.35 14.56
CA THR A 230 -0.79 8.33 15.09
C THR A 230 0.62 8.00 14.57
N CYS A 231 1.04 6.72 14.61
CA CYS A 231 2.43 6.44 14.07
C CYS A 231 2.57 6.84 12.61
N LEU A 232 1.54 6.59 11.79
CA LEU A 232 1.65 7.04 10.41
C LEU A 232 1.71 8.57 10.22
N LEU A 233 0.98 9.30 11.06
CA LEU A 233 1.08 10.74 11.03
C LEU A 233 2.52 11.18 11.41
N LEU A 234 3.09 10.53 12.45
CA LEU A 234 4.47 10.94 12.86
C LEU A 234 5.52 10.62 11.75
N MET A 235 5.35 9.49 11.04
CA MET A 235 6.27 9.19 9.94
C MET A 235 6.25 10.20 8.81
N ASP A 236 5.11 10.85 8.53
CA ASP A 236 5.02 11.85 7.52
C ASP A 236 5.57 13.22 7.99
N LYS A 237 5.51 13.50 9.27
CA LYS A 237 5.88 14.77 9.78
C LYS A 237 7.42 14.83 10.04
N ARG A 238 8.06 13.67 10.34
CA ARG A 238 9.47 13.64 10.76
C ARG A 238 10.46 13.54 9.61
N LYS A 239 11.53 14.30 9.72
CA LYS A 239 12.69 14.17 8.83
C LYS A 239 13.10 12.68 8.50
N ASP A 240 13.17 11.82 9.52
CA ASP A 240 13.56 10.41 9.39
C ASP A 240 12.39 9.43 9.81
N PRO A 241 11.55 8.95 8.85
CA PRO A 241 10.42 8.10 9.32
C PRO A 241 10.82 6.80 10.11
N SER A 242 12.08 6.35 9.96
CA SER A 242 12.70 5.35 10.89
C SER A 242 12.98 5.84 12.32
N SER A 243 12.99 7.13 12.59
CA SER A 243 13.00 7.54 13.96
C SER A 243 11.74 6.95 14.72
N VAL A 244 10.60 6.56 14.09
CA VAL A 244 9.35 6.28 14.87
C VAL A 244 9.36 4.99 15.67
N ASP A 245 9.31 5.15 17.02
CA ASP A 245 9.38 4.02 17.94
C ASP A 245 7.93 3.76 18.43
N ILE A 246 7.32 2.71 17.92
CA ILE A 246 5.92 2.35 18.19
CA ILE A 246 5.93 2.44 18.20
C ILE A 246 5.74 2.25 19.75
N LYS A 247 6.69 1.61 20.44
CA LYS A 247 6.61 1.35 21.86
C LYS A 247 6.54 2.70 22.59
N LYS A 248 7.32 3.67 22.18
CA LYS A 248 7.34 4.97 22.90
C LYS A 248 6.02 5.73 22.64
N VAL A 249 5.47 5.63 21.43
CA VAL A 249 4.17 6.25 21.08
C VAL A 249 3.10 5.60 21.93
N LEU A 250 3.10 4.27 22.04
CA LEU A 250 2.09 3.58 22.86
C LEU A 250 2.13 3.98 24.36
N LEU A 251 3.36 4.12 24.92
CA LEU A 251 3.43 4.57 26.36
C LEU A 251 2.91 5.99 26.50
N GLU A 252 3.15 6.84 25.54
CA GLU A 252 2.57 8.18 25.51
C GLU A 252 1.02 8.14 25.58
N MET A 253 0.42 7.32 24.66
CA MET A 253 -1.04 7.15 24.61
C MET A 253 -1.56 6.66 25.98
N ARG A 254 -0.85 5.73 26.59
CA ARG A 254 -1.23 5.16 27.93
C ARG A 254 -1.18 6.16 29.09
N LYS A 255 -0.69 7.40 28.83
CA LYS A 255 -0.91 8.45 29.88
C LYS A 255 -2.36 8.89 29.96
N PHE A 256 -3.13 8.67 28.85
CA PHE A 256 -4.47 9.22 28.72
C PHE A 256 -5.57 8.17 28.96
N ARG A 257 -5.32 6.92 28.70
CA ARG A 257 -6.16 5.79 29.02
C ARG A 257 -5.42 4.50 29.30
N MET A 258 -5.77 3.80 30.37
CA MET A 258 -5.12 2.57 30.76
C MET A 258 -5.26 1.42 29.74
N GLY A 259 -4.28 0.54 29.68
CA GLY A 259 -4.49 -0.82 29.08
C GLY A 259 -4.51 -0.79 27.54
N LEU A 260 -4.24 0.33 26.90
CA LEU A 260 -4.26 0.38 25.40
C LEU A 260 -3.33 -0.71 24.81
N ILE A 261 -3.92 -1.57 23.93
CA ILE A 261 -3.24 -2.83 23.40
C ILE A 261 -3.23 -3.85 24.50
N GLN A 262 -4.08 -4.90 24.42
CA GLN A 262 -4.28 -5.83 25.53
C GLN A 262 -3.64 -7.22 25.45
N THR A 263 -2.96 -7.49 24.27
CA THR A 263 -2.26 -8.75 24.12
C THR A 263 -0.97 -8.56 23.26
N ALA A 264 -0.05 -9.52 23.38
CA ALA A 264 1.15 -9.44 22.52
C ALA A 264 0.81 -9.54 21.01
N ASP A 265 -0.27 -10.25 20.69
CA ASP A 265 -0.76 -10.35 19.28
C ASP A 265 -1.26 -8.99 18.73
N GLN A 266 -2.01 -8.25 19.56
CA GLN A 266 -2.43 -6.89 19.22
C GLN A 266 -1.19 -5.95 19.00
N LEU A 267 -0.17 -6.17 19.86
CA LEU A 267 1.11 -5.38 19.69
C LEU A 267 1.78 -5.66 18.29
N ARG A 268 1.91 -6.97 18.00
CA ARG A 268 2.54 -7.39 16.70
C ARG A 268 1.65 -6.86 15.45
N PHE A 269 0.30 -6.92 15.63
CA PHE A 269 -0.58 -6.46 14.55
C PHE A 269 -0.40 -4.95 14.27
N SER A 270 -0.24 -4.17 15.40
CA SER A 270 -0.12 -2.75 15.27
C SER A 270 1.21 -2.44 14.50
N TYR A 271 2.32 -3.13 14.89
CA TYR A 271 3.55 -2.95 14.10
C TYR A 271 3.37 -3.30 12.59
N LEU A 272 2.68 -4.43 12.34
CA LEU A 272 2.45 -4.89 10.98
C LEU A 272 1.64 -3.88 10.15
N ALA A 273 0.60 -3.39 10.79
CA ALA A 273 -0.21 -2.32 10.22
C ALA A 273 0.54 -1.01 9.83
N VAL A 274 1.38 -0.57 10.81
CA VAL A 274 2.15 0.65 10.49
C VAL A 274 3.22 0.41 9.32
N ILE A 275 3.88 -0.73 9.41
CA ILE A 275 4.91 -1.06 8.34
C ILE A 275 4.25 -1.12 6.94
N GLU A 276 3.12 -1.85 6.90
CA GLU A 276 2.40 -1.96 5.58
C GLU A 276 1.75 -0.68 5.15
N GLY A 277 1.15 0.03 6.09
CA GLY A 277 0.60 1.31 5.75
C GLY A 277 1.58 2.33 5.17
N ALA A 278 2.76 2.38 5.80
CA ALA A 278 3.84 3.26 5.31
C ALA A 278 4.28 2.87 3.87
N LYS A 279 4.35 1.56 3.63
CA LYS A 279 4.78 1.02 2.30
C LYS A 279 3.81 1.42 1.28
N PHE A 280 2.54 1.24 1.61
CA PHE A 280 1.44 1.67 0.69
C PHE A 280 1.47 3.17 0.33
N ILE A 281 1.61 3.96 1.38
CA ILE A 281 1.66 5.43 1.19
C ILE A 281 2.85 5.82 0.27
N MET A 282 3.95 5.06 0.41
CA MET A 282 5.23 5.32 -0.33
C MET A 282 5.25 4.70 -1.75
N GLY A 283 4.17 4.04 -2.13
CA GLY A 283 3.98 3.57 -3.51
C GLY A 283 3.94 2.06 -3.77
N ASP A 284 3.83 1.22 -2.72
CA ASP A 284 3.69 -0.27 -2.88
C ASP A 284 2.19 -0.77 -2.70
N SER A 285 1.49 -0.97 -3.84
CA SER A 285 0.11 -1.47 -3.94
C SER A 285 0.00 -3.01 -3.56
N SER A 286 1.16 -3.75 -3.57
CA SER A 286 1.16 -5.26 -3.32
C SER A 286 0.71 -5.64 -1.87
N VAL A 287 0.73 -4.61 -0.99
CA VAL A 287 0.27 -4.77 0.37
C VAL A 287 -1.28 -4.69 0.58
N GLN A 288 -2.00 -4.29 -0.54
CA GLN A 288 -3.46 -3.92 -0.36
C GLN A 288 -4.48 -5.10 -0.47
N ASP A 289 -4.00 -6.26 -1.01
CA ASP A 289 -4.68 -7.53 -0.87
C ASP A 289 -3.79 -8.65 -0.34
N GLN A 290 -4.49 -9.62 0.21
CA GLN A 290 -3.89 -10.87 0.62
C GLN A 290 -4.02 -12.03 -0.41
N TRP A 291 -2.87 -12.58 -0.85
CA TRP A 291 -2.82 -13.80 -1.74
C TRP A 291 -3.35 -15.06 -1.02
N LYS A 292 -4.20 -15.84 -1.64
CA LYS A 292 -4.81 -17.00 -1.01
C LYS A 292 -4.33 -18.33 -1.73
N GLU A 293 -3.85 -19.30 -0.98
CA GLU A 293 -3.57 -20.69 -1.46
C GLU A 293 -4.92 -21.37 -1.70
N LEU A 294 -5.06 -22.21 -2.74
CA LEU A 294 -6.28 -23.01 -2.91
C LEU A 294 -6.32 -24.10 -1.82
N SER A 295 -7.28 -23.96 -0.88
CA SER A 295 -7.37 -24.87 0.24
C SER A 295 -8.84 -24.95 0.67
N HIS A 296 -9.19 -26.03 1.31
CA HIS A 296 -10.54 -26.21 1.85
C HIS A 296 -10.41 -26.77 3.25
N GLU A 297 -9.93 -25.91 4.14
CA GLU A 297 -9.61 -26.32 5.55
C GLU A 297 -10.80 -26.47 6.50
N ASP A 298 -11.93 -25.86 6.13
CA ASP A 298 -13.11 -25.80 7.00
C ASP A 298 -14.02 -27.01 6.75
N MET B 1 19.24 22.91 -26.24
CA MET B 1 19.09 22.02 -25.12
C MET B 1 20.49 21.53 -24.74
N GLU B 2 20.84 21.54 -23.48
CA GLU B 2 22.21 21.18 -23.09
C GLU B 2 22.56 19.72 -23.42
N MET B 3 21.64 18.82 -23.21
CA MET B 3 21.95 17.45 -23.45
CA MET B 3 21.78 17.40 -23.48
C MET B 3 22.08 17.19 -24.95
N GLU B 4 21.45 18.00 -25.80
CA GLU B 4 21.72 17.92 -27.24
C GLU B 4 23.20 18.33 -27.60
N LYS B 5 23.72 19.37 -26.90
CA LYS B 5 25.16 19.72 -27.12
C LYS B 5 26.12 18.59 -26.60
N GLU B 6 25.76 17.95 -25.53
CA GLU B 6 26.46 16.78 -24.99
C GLU B 6 26.51 15.61 -25.97
N PHE B 7 25.31 15.32 -26.50
CA PHE B 7 25.18 14.25 -27.53
C PHE B 7 26.08 14.51 -28.78
N GLU B 8 26.06 15.77 -29.27
CA GLU B 8 26.81 16.08 -30.47
CA GLU B 8 26.85 16.13 -30.47
C GLU B 8 28.37 15.95 -30.17
N GLN B 9 28.83 16.38 -28.94
CA GLN B 9 30.20 16.21 -28.55
C GLN B 9 30.63 14.72 -28.53
N ILE B 10 29.81 13.85 -27.94
CA ILE B 10 30.13 12.44 -27.79
C ILE B 10 30.20 11.77 -29.23
N ASP B 11 29.18 12.11 -30.07
CA ASP B 11 29.13 11.61 -31.45
C ASP B 11 30.36 12.09 -32.27
N LYS B 12 30.74 13.36 -32.19
CA LYS B 12 31.81 13.93 -33.00
C LYS B 12 33.09 13.25 -32.55
N SER B 13 33.22 12.97 -31.28
CA SER B 13 34.49 12.40 -30.76
C SER B 13 34.58 10.88 -30.82
N GLY B 14 33.47 10.21 -31.21
CA GLY B 14 33.40 8.73 -31.27
C GLY B 14 33.64 8.08 -29.89
N SER B 15 33.00 8.67 -28.87
CA SER B 15 33.28 8.12 -27.52
CA SER B 15 33.18 8.32 -27.44
C SER B 15 32.21 7.30 -26.86
N TRP B 16 31.20 6.87 -27.62
CA TRP B 16 30.14 6.04 -27.02
C TRP B 16 30.63 4.78 -26.33
N ALA B 17 31.58 4.07 -27.01
CA ALA B 17 32.09 2.85 -26.47
C ALA B 17 32.81 3.08 -25.13
N ALA B 18 33.67 4.09 -25.09
CA ALA B 18 34.45 4.38 -23.84
C ALA B 18 33.51 4.81 -22.73
N ILE B 19 32.50 5.68 -23.03
CA ILE B 19 31.54 6.05 -21.97
C ILE B 19 30.82 4.87 -21.42
N TYR B 20 30.40 4.01 -22.34
CA TYR B 20 29.68 2.79 -21.93
C TYR B 20 30.52 1.91 -20.96
N GLN B 21 31.79 1.70 -21.35
CA GLN B 21 32.72 0.96 -20.49
C GLN B 21 32.94 1.62 -19.07
N ASP B 22 32.94 2.95 -19.03
CA ASP B 22 33.06 3.62 -17.73
C ASP B 22 31.86 3.32 -16.84
N ILE B 23 30.65 3.32 -17.43
CA ILE B 23 29.49 2.90 -16.66
C ILE B 23 29.57 1.51 -16.14
N ARG B 24 30.01 0.57 -16.95
CA ARG B 24 30.18 -0.77 -16.45
C ARG B 24 31.21 -0.86 -15.28
N HIS B 25 32.27 -0.06 -15.36
CA HIS B 25 33.26 -0.05 -14.28
CA HIS B 25 33.24 -0.06 -14.25
C HIS B 25 32.70 0.50 -12.95
N GLU B 26 31.89 1.52 -13.04
CA GLU B 26 31.32 2.23 -11.90
C GLU B 26 30.09 1.61 -11.33
N ALA B 27 29.49 0.67 -12.02
CA ALA B 27 28.25 0.06 -11.52
C ALA B 27 28.40 -0.68 -10.18
N SER B 28 27.30 -0.73 -9.46
CA SER B 28 27.13 -1.39 -8.16
C SER B 28 27.20 -2.89 -8.32
N ASP B 29 27.52 -3.54 -7.25
CA ASP B 29 27.38 -4.97 -7.07
C ASP B 29 26.88 -5.35 -5.67
N PHE B 30 25.89 -6.28 -5.61
CA PHE B 30 25.30 -6.82 -4.40
C PHE B 30 25.05 -8.29 -4.52
N PRO B 31 24.84 -9.00 -3.41
CA PRO B 31 24.64 -10.45 -3.49
C PRO B 31 23.28 -10.86 -4.16
N CYS B 32 23.30 -12.07 -4.74
CA CYS B 32 22.13 -12.74 -5.36
C CYS B 32 22.04 -14.17 -4.82
N ARG B 33 22.08 -14.39 -3.49
CA ARG B 33 22.09 -15.72 -2.92
C ARG B 33 20.79 -16.53 -3.24
N VAL B 34 19.59 -15.92 -3.11
CA VAL B 34 18.40 -16.70 -3.35
C VAL B 34 18.37 -17.22 -4.88
N ALA B 35 18.76 -16.35 -5.82
CA ALA B 35 18.78 -16.78 -7.23
C ALA B 35 19.68 -18.01 -7.51
N LYS B 36 20.72 -18.11 -6.66
CA LYS B 36 21.71 -19.18 -6.80
CA LYS B 36 21.74 -19.15 -6.80
C LYS B 36 21.45 -20.48 -6.04
N LEU B 37 20.37 -20.54 -5.28
CA LEU B 37 20.05 -21.76 -4.61
C LEU B 37 19.79 -22.90 -5.62
N PRO B 38 20.15 -24.14 -5.31
CA PRO B 38 19.93 -25.23 -6.22
C PRO B 38 18.48 -25.41 -6.72
N LYS B 39 17.52 -25.27 -5.82
CA LYS B 39 16.08 -25.40 -6.13
C LYS B 39 15.57 -24.35 -7.13
N ASN B 40 16.34 -23.25 -7.36
CA ASN B 40 16.04 -22.21 -8.30
C ASN B 40 16.69 -22.27 -9.65
N LYS B 41 17.52 -23.31 -9.87
CA LYS B 41 18.33 -23.40 -11.13
C LYS B 41 17.39 -23.30 -12.37
N ASN B 42 16.27 -24.02 -12.30
CA ASN B 42 15.38 -24.09 -13.50
C ASN B 42 14.46 -22.85 -13.55
N ARG B 43 14.62 -21.85 -12.69
CA ARG B 43 13.82 -20.65 -12.77
C ARG B 43 14.53 -19.44 -13.39
N ASN B 44 15.87 -19.63 -13.71
CA ASN B 44 16.63 -18.64 -14.34
C ASN B 44 16.94 -18.99 -15.87
N ARG B 45 16.72 -18.03 -16.76
CA ARG B 45 16.96 -18.21 -18.17
C ARG B 45 18.43 -18.19 -18.48
N TYR B 46 19.13 -17.21 -17.89
CA TYR B 46 20.58 -17.00 -18.02
C TYR B 46 21.35 -17.07 -16.70
N ARG B 47 22.49 -17.82 -16.65
CA ARG B 47 23.24 -18.01 -15.40
C ARG B 47 23.85 -16.66 -14.97
N ASP B 48 24.16 -15.81 -15.92
CA ASP B 48 24.83 -14.50 -15.70
C ASP B 48 23.94 -13.30 -15.41
N VAL B 49 22.59 -13.52 -15.44
CA VAL B 49 21.62 -12.40 -15.18
C VAL B 49 20.66 -12.79 -14.04
N SER B 50 20.94 -12.24 -12.86
CA SER B 50 20.19 -12.56 -11.60
C SER B 50 19.74 -11.30 -10.89
N PRO B 51 18.59 -11.42 -10.14
CA PRO B 51 18.17 -10.26 -9.34
C PRO B 51 19.03 -10.20 -8.01
N PHE B 52 19.32 -8.92 -7.60
CA PHE B 52 19.89 -8.77 -6.27
C PHE B 52 18.91 -9.17 -5.15
N ASP B 53 19.40 -9.76 -4.06
CA ASP B 53 18.51 -10.10 -2.91
C ASP B 53 17.74 -8.85 -2.44
N HIS B 54 18.31 -7.66 -2.39
CA HIS B 54 17.71 -6.50 -1.69
C HIS B 54 16.50 -5.94 -2.47
N SER B 55 16.49 -6.16 -3.82
CA SER B 55 15.39 -5.59 -4.66
C SER B 55 14.57 -6.71 -5.38
N ARG B 56 14.77 -7.98 -5.08
CA ARG B 56 14.05 -8.97 -5.90
C ARG B 56 12.56 -8.85 -5.52
N ILE B 57 11.68 -9.17 -6.48
CA ILE B 57 10.25 -9.37 -6.19
C ILE B 57 9.99 -10.70 -5.60
N LYS B 58 9.40 -10.79 -4.38
CA LYS B 58 9.04 -12.03 -3.74
C LYS B 58 7.57 -12.38 -4.12
N LEU B 59 7.35 -13.65 -4.58
CA LEU B 59 6.00 -14.16 -4.72
C LEU B 59 5.41 -14.36 -3.30
N HIS B 60 4.06 -14.33 -3.22
CA HIS B 60 3.37 -14.43 -1.92
C HIS B 60 2.97 -15.83 -1.60
N GLN B 61 3.09 -16.72 -2.58
CA GLN B 61 2.91 -18.10 -2.31
C GLN B 61 3.87 -18.71 -1.21
N GLU B 62 3.39 -19.77 -0.64
CA GLU B 62 3.99 -20.37 0.56
C GLU B 62 5.09 -21.33 0.15
N ASP B 63 4.92 -21.94 -1.07
CA ASP B 63 5.96 -22.96 -1.47
C ASP B 63 7.37 -22.48 -1.81
N ASN B 64 7.47 -21.63 -2.77
CA ASN B 64 8.82 -21.10 -3.24
C ASN B 64 8.60 -19.77 -3.79
N ASP B 65 9.09 -18.76 -3.06
CA ASP B 65 8.81 -17.40 -3.43
C ASP B 65 9.67 -16.74 -4.57
N TYR B 66 10.55 -17.54 -5.20
CA TYR B 66 11.51 -16.94 -6.17
C TYR B 66 11.01 -16.78 -7.62
N ILE B 67 11.24 -15.59 -8.10
CA ILE B 67 11.11 -15.27 -9.55
C ILE B 67 12.29 -14.36 -9.95
N ASN B 68 12.79 -14.51 -11.18
CA ASN B 68 13.87 -13.65 -11.70
C ASN B 68 13.26 -12.31 -12.16
N ALA B 69 13.07 -11.41 -11.14
CA ALA B 69 12.44 -10.11 -11.30
C ALA B 69 12.95 -9.15 -10.21
N SER B 70 13.07 -7.88 -10.59
CA SER B 70 13.60 -6.85 -9.68
C SER B 70 12.70 -5.61 -9.69
N LEU B 71 12.54 -4.96 -8.50
CA LEU B 71 11.88 -3.68 -8.34
C LEU B 71 12.80 -2.48 -8.48
N ILE B 72 12.69 -1.65 -9.49
CA ILE B 72 13.45 -0.45 -9.75
CA ILE B 72 13.44 -0.46 -9.75
C ILE B 72 12.62 0.70 -9.22
N LYS B 73 13.06 1.29 -8.07
CA LYS B 73 12.26 2.36 -7.34
C LYS B 73 12.97 3.70 -7.54
N MET B 74 12.44 4.62 -8.34
CA MET B 74 13.03 5.89 -8.67
C MET B 74 12.38 6.95 -7.81
N GLU B 75 13.08 7.26 -6.71
CA GLU B 75 12.55 8.12 -5.64
CA GLU B 75 12.52 8.14 -5.65
C GLU B 75 12.25 9.54 -6.14
N GLU B 76 13.23 10.18 -6.75
CA GLU B 76 13.01 11.55 -7.26
C GLU B 76 11.89 11.64 -8.32
N ALA B 77 11.88 10.69 -9.26
CA ALA B 77 10.89 10.70 -10.34
C ALA B 77 9.50 10.26 -9.90
N GLN B 78 9.40 9.63 -8.73
CA GLN B 78 8.12 9.05 -8.18
C GLN B 78 7.50 8.04 -9.22
N ARG B 79 8.34 7.11 -9.65
CA ARG B 79 7.91 6.02 -10.49
C ARG B 79 8.68 4.73 -10.09
N SER B 80 8.02 3.61 -10.22
CA SER B 80 8.64 2.29 -10.13
C SER B 80 8.37 1.39 -11.34
N TYR B 81 9.22 0.42 -11.53
CA TYR B 81 9.16 -0.51 -12.67
C TYR B 81 9.53 -1.87 -12.19
N ILE B 82 8.92 -2.97 -12.65
CA ILE B 82 9.39 -4.29 -12.45
C ILE B 82 10.09 -4.75 -13.70
N LEU B 83 11.43 -5.10 -13.67
CA LEU B 83 12.13 -5.68 -14.84
C LEU B 83 12.36 -7.14 -14.53
N THR B 84 12.05 -7.97 -15.57
CA THR B 84 12.05 -9.43 -15.43
C THR B 84 12.51 -10.05 -16.79
N GLN B 85 12.98 -11.29 -16.63
CA GLN B 85 13.34 -12.08 -17.82
C GLN B 85 12.07 -12.51 -18.61
N GLY B 86 12.27 -12.84 -19.86
CA GLY B 86 11.15 -13.52 -20.62
C GLY B 86 10.83 -14.81 -19.94
N PRO B 87 9.53 -15.05 -19.55
CA PRO B 87 9.21 -16.27 -18.87
C PRO B 87 9.63 -17.57 -19.55
N LEU B 88 9.94 -18.58 -18.74
CA LEU B 88 10.22 -19.93 -19.19
C LEU B 88 8.97 -20.75 -19.23
N PRO B 89 9.01 -21.93 -19.92
CA PRO B 89 7.77 -22.80 -19.92
C PRO B 89 7.23 -23.18 -18.57
N ASN B 90 8.14 -23.31 -17.57
CA ASN B 90 7.78 -23.69 -16.17
C ASN B 90 7.56 -22.46 -15.25
N THR B 91 7.75 -21.22 -15.72
CA THR B 91 7.62 -20.03 -14.87
C THR B 91 6.44 -19.07 -15.26
N CYS B 92 5.68 -19.55 -16.29
CA CYS B 92 4.56 -18.68 -16.72
C CYS B 92 3.43 -18.45 -15.63
N GLY B 93 3.20 -19.50 -14.84
CA GLY B 93 2.29 -19.43 -13.72
C GLY B 93 2.87 -18.42 -12.72
N HIS B 94 4.19 -18.47 -12.43
CA HIS B 94 4.84 -17.52 -11.45
C HIS B 94 4.74 -16.10 -11.93
N PHE B 95 4.93 -15.89 -13.25
CA PHE B 95 4.87 -14.55 -13.85
C PHE B 95 3.47 -13.93 -13.62
N TRP B 96 2.41 -14.66 -14.00
CA TRP B 96 1.08 -14.14 -13.81
C TRP B 96 0.67 -14.00 -12.33
N GLU B 97 1.17 -14.87 -11.43
CA GLU B 97 1.00 -14.67 -9.99
C GLU B 97 1.58 -13.34 -9.67
N MET B 98 2.82 -13.04 -10.07
CA MET B 98 3.45 -11.77 -9.75
C MET B 98 2.60 -10.55 -10.24
N VAL B 99 2.11 -10.65 -11.49
CA VAL B 99 1.28 -9.60 -12.02
C VAL B 99 0.02 -9.37 -11.09
N TRP B 100 -0.62 -10.48 -10.72
CA TRP B 100 -1.82 -10.41 -9.85
C TRP B 100 -1.50 -9.73 -8.45
N GLU B 101 -0.45 -10.24 -7.80
CA GLU B 101 -0.05 -9.79 -6.46
C GLU B 101 0.40 -8.37 -6.46
N GLN B 102 1.11 -7.93 -7.47
CA GLN B 102 1.54 -6.56 -7.56
C GLN B 102 0.53 -5.51 -7.98
N LYS B 103 -0.66 -6.04 -8.43
CA LYS B 103 -1.75 -5.16 -8.89
C LYS B 103 -1.36 -4.27 -10.15
N SER B 104 -0.43 -4.81 -10.98
CA SER B 104 -0.05 -4.12 -12.21
C SER B 104 -1.25 -4.10 -13.26
N ARG B 105 -1.28 -3.05 -13.99
CA ARG B 105 -2.24 -2.90 -15.12
C ARG B 105 -1.55 -3.22 -16.46
N GLY B 106 -0.28 -2.92 -16.65
CA GLY B 106 0.41 -3.14 -17.94
C GLY B 106 1.59 -4.10 -17.87
N VAL B 107 1.75 -4.83 -18.98
CA VAL B 107 2.93 -5.63 -19.32
C VAL B 107 3.48 -5.13 -20.59
N VAL B 108 4.83 -4.85 -20.60
CA VAL B 108 5.57 -4.32 -21.75
C VAL B 108 6.59 -5.37 -22.18
N MET B 109 6.46 -5.82 -23.46
CA MET B 109 7.34 -6.79 -24.13
C MET B 109 8.04 -6.19 -25.32
N LEU B 110 9.42 -6.24 -25.28
CA LEU B 110 10.25 -5.64 -26.26
C LEU B 110 10.92 -6.57 -27.24
N ASN B 111 10.59 -7.82 -27.19
CA ASN B 111 11.21 -8.83 -28.06
C ASN B 111 10.16 -9.66 -28.83
N ARG B 112 10.61 -10.55 -29.69
CA ARG B 112 9.79 -11.64 -30.30
CA ARG B 112 9.79 -11.66 -30.29
C ARG B 112 10.17 -12.96 -29.62
N VAL B 113 9.22 -13.92 -29.58
CA VAL B 113 9.45 -15.18 -28.94
C VAL B 113 10.71 -16.00 -29.47
N MET B 114 10.93 -15.88 -30.80
CA MET B 114 12.11 -16.44 -31.44
C MET B 114 12.85 -15.31 -32.18
N GLU B 115 14.20 -15.22 -31.98
CA GLU B 115 14.95 -14.23 -32.74
C GLU B 115 16.19 -14.93 -33.23
N LYS B 116 16.19 -15.02 -34.57
CA LYS B 116 17.07 -15.82 -35.43
C LYS B 116 17.40 -17.25 -34.89
N GLY B 117 16.41 -18.15 -35.04
CA GLY B 117 16.50 -19.57 -34.62
C GLY B 117 17.00 -19.84 -33.21
N SER B 118 16.60 -18.98 -32.26
CA SER B 118 16.93 -19.07 -30.87
C SER B 118 15.70 -18.61 -30.04
N LEU B 119 15.16 -19.48 -29.20
CA LEU B 119 14.08 -19.14 -28.28
C LEU B 119 14.47 -18.10 -27.32
N LYS B 120 13.66 -17.02 -27.20
CA LYS B 120 14.02 -15.93 -26.30
C LYS B 120 13.02 -15.80 -25.16
N CYS B 121 11.75 -16.33 -25.34
CA CYS B 121 10.62 -16.12 -24.40
C CYS B 121 9.58 -17.20 -24.69
N ALA B 122 8.92 -17.73 -23.66
CA ALA B 122 7.83 -18.67 -23.79
C ALA B 122 6.56 -17.90 -24.32
N GLN B 123 5.68 -18.68 -24.96
CA GLN B 123 4.37 -18.15 -25.35
C GLN B 123 3.42 -18.07 -24.17
N TYR B 124 3.59 -16.98 -23.39
CA TYR B 124 2.94 -16.95 -22.05
C TYR B 124 1.55 -16.31 -22.04
N TRP B 125 1.09 -15.89 -23.22
CA TRP B 125 -0.29 -15.34 -23.38
C TRP B 125 -0.94 -16.05 -24.57
N PRO B 126 -2.29 -16.10 -24.65
CA PRO B 126 -2.97 -16.82 -25.79
C PRO B 126 -2.87 -16.03 -27.10
N GLN B 127 -2.66 -16.80 -28.17
CA GLN B 127 -2.69 -16.21 -29.53
C GLN B 127 -4.08 -16.14 -30.18
N LYS B 128 -5.03 -16.90 -29.63
CA LYS B 128 -6.40 -16.93 -30.16
C LYS B 128 -7.40 -16.69 -28.99
N GLU B 129 -8.45 -15.88 -29.31
CA GLU B 129 -9.57 -15.67 -28.41
C GLU B 129 -10.13 -16.93 -27.89
N GLU B 130 -10.42 -17.88 -28.79
CA GLU B 130 -11.08 -19.14 -28.40
C GLU B 130 -10.20 -20.22 -27.72
N LYS B 131 -8.91 -19.93 -27.50
CA LYS B 131 -8.00 -20.92 -26.85
C LYS B 131 -7.31 -20.19 -25.67
N GLU B 132 -8.13 -20.14 -24.59
CA GLU B 132 -7.65 -19.55 -23.30
C GLU B 132 -6.54 -20.43 -22.64
N MET B 133 -5.78 -19.88 -21.62
CA MET B 133 -4.80 -20.62 -20.92
C MET B 133 -5.15 -20.79 -19.44
N ILE B 134 -4.86 -21.94 -18.87
CA ILE B 134 -4.97 -22.16 -17.41
C ILE B 134 -3.57 -22.50 -16.88
N PHE B 135 -3.14 -21.77 -15.82
CA PHE B 135 -1.88 -22.08 -15.14
C PHE B 135 -2.23 -22.84 -13.91
N GLU B 136 -1.98 -24.14 -13.89
CA GLU B 136 -2.56 -25.00 -12.80
CA GLU B 136 -2.50 -25.08 -12.82
C GLU B 136 -1.80 -24.80 -11.51
N ASP B 137 -0.52 -24.41 -11.55
CA ASP B 137 0.22 -24.36 -10.32
C ASP B 137 -0.23 -23.17 -9.42
N THR B 138 -0.48 -22.04 -10.05
CA THR B 138 -0.92 -20.81 -9.38
C THR B 138 -2.47 -20.57 -9.45
N ASN B 139 -3.18 -21.45 -10.14
CA ASN B 139 -4.68 -21.44 -10.27
C ASN B 139 -5.21 -20.10 -10.89
N LEU B 140 -4.65 -19.74 -12.08
CA LEU B 140 -4.95 -18.48 -12.79
C LEU B 140 -5.41 -18.89 -14.23
N LYS B 141 -6.39 -18.17 -14.73
CA LYS B 141 -6.90 -18.31 -16.13
C LYS B 141 -6.70 -17.02 -16.91
N LEU B 142 -6.27 -17.12 -18.18
CA LEU B 142 -5.95 -16.00 -18.98
C LEU B 142 -6.63 -16.06 -20.39
N THR B 143 -7.33 -15.01 -20.77
CA THR B 143 -8.08 -15.03 -22.05
C THR B 143 -7.72 -13.79 -22.90
N LEU B 144 -7.41 -13.97 -24.22
CA LEU B 144 -7.26 -12.87 -25.13
C LEU B 144 -8.64 -12.28 -25.44
N ILE B 145 -8.85 -11.02 -25.14
CA ILE B 145 -10.14 -10.36 -25.43
C ILE B 145 -10.09 -9.57 -26.72
N SER B 146 -9.03 -8.85 -27.00
CA SER B 146 -8.92 -8.03 -28.22
C SER B 146 -7.45 -7.81 -28.61
N GLU B 147 -7.17 -7.52 -29.88
CA GLU B 147 -5.81 -7.20 -30.37
C GLU B 147 -5.88 -6.07 -31.35
N ASP B 148 -5.06 -5.04 -31.25
CA ASP B 148 -4.92 -3.92 -32.21
C ASP B 148 -3.51 -3.98 -32.79
N ILE B 149 -3.31 -4.52 -33.99
CA ILE B 149 -2.01 -4.69 -34.62
C ILE B 149 -1.72 -3.36 -35.37
N LYS B 150 -0.66 -2.62 -35.04
CA LYS B 150 -0.30 -1.44 -35.72
C LYS B 150 1.05 -1.70 -36.49
N SER B 151 1.49 -0.69 -37.24
CA SER B 151 2.70 -0.74 -38.04
C SER B 151 3.95 -1.18 -37.29
N TYR B 152 4.16 -0.69 -36.08
CA TYR B 152 5.40 -1.00 -35.34
C TYR B 152 5.29 -1.68 -34.01
N TYR B 153 4.05 -1.80 -33.50
CA TYR B 153 3.73 -2.44 -32.23
C TYR B 153 2.25 -2.90 -32.20
N THR B 154 1.97 -3.76 -31.27
CA THR B 154 0.61 -4.28 -31.09
C THR B 154 0.14 -4.06 -29.62
N VAL B 155 -1.16 -3.74 -29.36
CA VAL B 155 -1.74 -3.57 -28.01
C VAL B 155 -2.84 -4.63 -27.83
N ARG B 156 -2.83 -5.45 -26.80
CA ARG B 156 -3.80 -6.50 -26.50
C ARG B 156 -4.54 -6.20 -25.23
N GLN B 157 -5.84 -6.45 -25.17
CA GLN B 157 -6.58 -6.60 -23.90
C GLN B 157 -6.69 -8.01 -23.51
N LEU B 158 -6.21 -8.38 -22.30
CA LEU B 158 -6.29 -9.61 -21.72
C LEU B 158 -7.23 -9.60 -20.44
N GLU B 159 -7.89 -10.72 -20.20
CA GLU B 159 -8.64 -10.96 -18.96
C GLU B 159 -7.92 -12.00 -18.12
N LEU B 160 -7.49 -11.53 -16.89
CA LEU B 160 -6.74 -12.41 -15.93
C LEU B 160 -7.77 -12.74 -14.79
N GLU B 161 -8.04 -14.00 -14.56
CA GLU B 161 -8.95 -14.49 -13.48
C GLU B 161 -8.17 -15.32 -12.46
N ASN B 162 -8.38 -14.94 -11.17
CA ASN B 162 -7.93 -15.74 -10.06
C ASN B 162 -9.02 -16.79 -9.77
N LEU B 163 -8.76 -18.05 -10.13
CA LEU B 163 -9.75 -19.08 -9.99
C LEU B 163 -10.11 -19.40 -8.51
N THR B 164 -9.18 -19.14 -7.59
CA THR B 164 -9.38 -19.41 -6.19
C THR B 164 -10.45 -18.48 -5.61
N THR B 165 -10.36 -17.20 -5.95
CA THR B 165 -11.31 -16.17 -5.47
C THR B 165 -12.49 -15.81 -6.45
N GLN B 166 -12.34 -16.21 -7.71
CA GLN B 166 -13.28 -15.84 -8.79
C GLN B 166 -13.21 -14.35 -9.25
N GLU B 167 -12.21 -13.61 -8.78
CA GLU B 167 -12.06 -12.23 -9.17
CA GLU B 167 -12.05 -12.19 -9.20
C GLU B 167 -11.41 -12.16 -10.60
N THR B 168 -11.81 -11.12 -11.35
CA THR B 168 -11.20 -10.85 -12.69
C THR B 168 -10.65 -9.45 -12.79
N ARG B 169 -9.62 -9.30 -13.60
CA ARG B 169 -9.02 -8.01 -13.91
C ARG B 169 -8.66 -7.91 -15.41
N GLU B 170 -8.62 -6.68 -15.88
CA GLU B 170 -8.12 -6.34 -17.19
C GLU B 170 -6.59 -6.12 -17.09
N ILE B 171 -5.84 -6.71 -18.02
CA ILE B 171 -4.34 -6.45 -18.20
C ILE B 171 -4.11 -5.95 -19.62
N LEU B 172 -3.43 -4.85 -19.86
CA LEU B 172 -3.02 -4.40 -21.19
C LEU B 172 -1.62 -4.93 -21.52
N HIS B 173 -1.45 -5.56 -22.68
CA HIS B 173 -0.16 -6.14 -23.13
C HIS B 173 0.32 -5.24 -24.28
N PHE B 174 1.44 -4.50 -24.10
CA PHE B 174 2.08 -3.62 -25.03
C PHE B 174 3.30 -4.32 -25.62
N HIS B 175 3.21 -4.66 -26.91
CA HIS B 175 4.22 -5.54 -27.57
C HIS B 175 4.90 -4.75 -28.64
N TYR B 176 6.17 -4.31 -28.47
CA TYR B 176 6.93 -3.68 -29.49
C TYR B 176 7.55 -4.82 -30.37
N THR B 177 6.97 -4.93 -31.64
CA THR B 177 7.14 -6.11 -32.48
C THR B 177 8.24 -6.00 -33.53
N THR B 178 8.86 -4.85 -33.64
CA THR B 178 9.73 -4.54 -34.76
C THR B 178 11.20 -4.07 -34.41
N TRP B 179 11.62 -4.35 -33.17
CA TRP B 179 13.04 -4.11 -32.84
C TRP B 179 13.93 -4.98 -33.84
N PRO B 180 14.91 -4.32 -34.43
CA PRO B 180 15.72 -5.11 -35.41
C PRO B 180 16.40 -6.32 -34.83
N ASP B 181 16.67 -7.28 -35.67
CA ASP B 181 17.41 -8.46 -35.29
C ASP B 181 18.86 -8.18 -34.86
N PHE B 182 19.42 -7.17 -35.53
CA PHE B 182 20.81 -6.71 -35.21
C PHE B 182 20.72 -5.17 -34.95
N GLY B 183 21.34 -4.74 -33.83
CA GLY B 183 21.41 -3.33 -33.53
C GLY B 183 20.15 -2.72 -32.92
N VAL B 184 20.07 -1.40 -33.03
CA VAL B 184 18.92 -0.63 -32.47
C VAL B 184 18.10 0.00 -33.65
N PRO B 185 16.86 0.37 -33.39
CA PRO B 185 16.11 1.08 -34.42
C PRO B 185 16.82 2.36 -34.90
N GLU B 186 16.71 2.71 -36.18
CA GLU B 186 17.30 3.87 -36.76
C GLU B 186 16.87 5.23 -36.17
N SER B 187 15.55 5.32 -35.92
CA SER B 187 14.93 6.48 -35.29
C SER B 187 14.17 6.03 -34.03
N PRO B 188 14.12 6.90 -32.96
CA PRO B 188 13.30 6.52 -31.79
C PRO B 188 11.81 6.93 -31.90
N ALA B 189 11.33 7.38 -33.06
CA ALA B 189 9.93 7.92 -33.16
C ALA B 189 8.95 6.82 -32.75
N SER B 190 9.06 5.60 -33.29
CA SER B 190 8.10 4.57 -32.95
CA SER B 190 8.11 4.55 -32.98
C SER B 190 8.15 4.12 -31.47
N PHE B 191 9.38 4.01 -30.92
CA PHE B 191 9.56 3.74 -29.51
C PHE B 191 8.92 4.82 -28.58
N LEU B 192 9.04 6.07 -28.97
CA LEU B 192 8.40 7.15 -28.26
C LEU B 192 6.87 7.11 -28.37
N ASN B 193 6.33 6.83 -29.59
CA ASN B 193 4.84 6.69 -29.67
C ASN B 193 4.39 5.50 -28.82
N PHE B 194 5.14 4.41 -28.74
CA PHE B 194 4.83 3.26 -27.90
C PHE B 194 4.80 3.66 -26.41
N LEU B 195 5.91 4.34 -25.96
CA LEU B 195 5.92 4.84 -24.56
C LEU B 195 4.76 5.75 -24.19
N PHE B 196 4.46 6.65 -25.06
CA PHE B 196 3.28 7.49 -24.88
C PHE B 196 1.94 6.74 -24.73
N LYS B 197 1.75 5.66 -25.49
CA LYS B 197 0.51 4.82 -25.40
C LYS B 197 0.49 4.15 -24.01
N VAL B 198 1.65 3.66 -23.54
CA VAL B 198 1.72 3.01 -22.25
C VAL B 198 1.32 4.07 -21.15
N ARG B 199 1.90 5.28 -21.27
CA ARG B 199 1.55 6.38 -20.30
C ARG B 199 0.02 6.66 -20.35
N GLU B 200 -0.53 6.83 -21.53
CA GLU B 200 -1.98 7.18 -21.78
CA GLU B 200 -1.96 7.22 -21.63
C GLU B 200 -2.90 6.23 -21.04
N SER B 201 -2.56 4.93 -21.06
CA SER B 201 -3.36 3.86 -20.48
C SER B 201 -3.49 3.85 -18.95
N GLY B 202 -2.68 4.68 -18.26
CA GLY B 202 -2.68 4.63 -16.82
C GLY B 202 -1.75 3.62 -16.19
N SER B 203 -1.09 2.80 -17.04
CA SER B 203 -0.26 1.67 -16.58
C SER B 203 0.95 2.15 -15.73
N LEU B 204 1.38 3.37 -15.92
CA LEU B 204 2.57 3.91 -15.21
C LEU B 204 2.12 4.83 -14.02
N SER B 205 0.79 4.95 -13.74
CA SER B 205 0.31 5.92 -12.75
CA SER B 205 0.29 5.92 -12.77
C SER B 205 0.27 5.27 -11.39
N PRO B 206 0.27 6.14 -10.34
CA PRO B 206 0.37 5.58 -8.99
C PRO B 206 -0.83 4.84 -8.40
N GLU B 207 -1.97 4.96 -9.09
CA GLU B 207 -3.21 4.14 -8.67
C GLU B 207 -3.05 2.65 -9.03
N HIS B 208 -1.96 2.26 -9.76
CA HIS B 208 -1.72 0.86 -10.02
C HIS B 208 -0.30 0.40 -9.52
N GLY B 209 -0.14 -0.93 -9.41
CA GLY B 209 1.15 -1.54 -9.21
C GLY B 209 2.11 -1.21 -10.37
N PRO B 210 3.39 -1.44 -10.11
CA PRO B 210 4.42 -1.12 -11.13
C PRO B 210 4.13 -1.86 -12.48
N VAL B 211 4.41 -1.15 -13.57
CA VAL B 211 4.47 -1.83 -14.89
C VAL B 211 5.45 -2.98 -14.86
N VAL B 212 5.21 -4.12 -15.53
CA VAL B 212 6.10 -5.18 -15.71
C VAL B 212 6.72 -5.14 -17.10
N VAL B 213 8.03 -5.00 -17.19
CA VAL B 213 8.80 -4.84 -18.40
C VAL B 213 9.74 -6.01 -18.63
N HIS B 214 9.76 -6.60 -19.85
CA HIS B 214 10.75 -7.62 -20.13
C HIS B 214 11.18 -7.61 -21.61
N CYS B 215 12.34 -8.24 -21.85
CA CYS B 215 12.84 -8.60 -23.20
C CYS B 215 13.22 -10.06 -23.01
N SER B 216 14.42 -10.49 -23.43
CA SER B 216 14.84 -11.88 -23.09
CA SER B 216 14.94 -11.82 -23.15
C SER B 216 15.50 -11.99 -21.68
N ALA B 217 16.58 -11.21 -21.38
CA ALA B 217 17.11 -11.24 -20.09
C ALA B 217 16.55 -10.14 -19.15
N GLY B 218 15.78 -9.19 -19.64
CA GLY B 218 15.22 -8.11 -18.81
C GLY B 218 16.24 -7.09 -18.40
N ILE B 219 17.26 -6.81 -19.24
CA ILE B 219 18.25 -5.79 -18.85
C ILE B 219 18.61 -4.81 -19.97
N GLY B 220 18.58 -5.27 -21.27
CA GLY B 220 19.06 -4.38 -22.34
C GLY B 220 17.99 -3.46 -22.93
N ARG B 221 17.18 -4.02 -23.85
CA ARG B 221 16.02 -3.26 -24.34
C ARG B 221 15.13 -2.78 -23.19
N SER B 222 14.92 -3.61 -22.21
CA SER B 222 14.13 -3.24 -21.01
CA SER B 222 14.09 -3.19 -21.09
C SER B 222 14.70 -2.02 -20.29
N GLY B 223 16.02 -2.00 -20.19
CA GLY B 223 16.70 -0.84 -19.61
C GLY B 223 16.49 0.43 -20.36
N THR B 224 16.42 0.34 -21.73
CA THR B 224 16.20 1.56 -22.57
C THR B 224 14.80 2.22 -22.18
N PHE B 225 13.81 1.34 -22.03
CA PHE B 225 12.41 1.78 -21.82
C PHE B 225 12.38 2.57 -20.46
N CYS B 226 12.85 1.94 -19.40
CA CYS B 226 12.72 2.58 -18.08
CA CYS B 226 12.69 2.62 -18.10
C CYS B 226 13.64 3.85 -17.99
N LEU B 227 14.87 3.74 -18.55
CA LEU B 227 15.77 4.92 -18.57
C LEU B 227 15.13 6.14 -19.28
N ALA B 228 14.57 5.89 -20.54
CA ALA B 228 14.01 7.00 -21.29
C ALA B 228 12.78 7.63 -20.48
N ASP B 229 11.92 6.74 -19.98
CA ASP B 229 10.77 7.25 -19.20
C ASP B 229 11.14 8.12 -17.98
N THR B 230 12.13 7.57 -17.17
CA THR B 230 12.54 8.31 -16.00
C THR B 230 13.17 9.62 -16.38
N CYS B 231 14.10 9.64 -17.37
CA CYS B 231 14.72 10.88 -17.73
C CYS B 231 13.73 11.98 -18.22
N LEU B 232 12.76 11.55 -19.06
CA LEU B 232 11.68 12.49 -19.43
C LEU B 232 10.86 13.05 -18.24
N LEU B 233 10.57 12.16 -17.29
CA LEU B 233 9.87 12.63 -16.06
C LEU B 233 10.73 13.73 -15.36
N LEU B 234 12.04 13.50 -15.23
CA LEU B 234 12.89 14.40 -14.42
C LEU B 234 12.93 15.75 -15.12
N MET B 235 12.99 15.74 -16.43
CA MET B 235 13.08 16.99 -17.19
CA MET B 235 13.10 16.99 -17.21
C MET B 235 11.83 17.84 -17.08
N ASP B 236 10.68 17.19 -16.98
CA ASP B 236 9.42 17.91 -16.79
C ASP B 236 9.25 18.40 -15.35
N LYS B 237 9.79 17.64 -14.40
CA LYS B 237 9.69 17.98 -13.00
C LYS B 237 10.71 19.01 -12.50
N ARG B 238 11.97 18.88 -12.93
CA ARG B 238 13.03 19.76 -12.38
C ARG B 238 12.92 21.23 -12.79
N LYS B 239 13.30 22.08 -11.84
CA LYS B 239 13.28 23.49 -12.07
C LYS B 239 14.28 23.85 -13.17
N ASP B 240 15.39 23.08 -13.29
CA ASP B 240 16.44 23.31 -14.28
C ASP B 240 16.65 21.96 -15.05
N PRO B 241 15.89 21.79 -16.18
CA PRO B 241 15.89 20.49 -16.92
C PRO B 241 17.28 20.09 -17.46
N SER B 242 18.12 21.10 -17.63
CA SER B 242 19.47 20.94 -18.14
C SER B 242 20.41 20.25 -17.15
N SER B 243 19.99 20.12 -15.89
CA SER B 243 20.75 19.32 -14.93
C SER B 243 20.63 17.80 -15.12
N VAL B 244 19.70 17.34 -15.95
CA VAL B 244 19.54 15.87 -16.10
C VAL B 244 20.74 15.22 -16.79
N ASP B 245 21.41 14.26 -16.10
CA ASP B 245 22.62 13.55 -16.60
C ASP B 245 22.22 12.10 -16.74
N ILE B 246 22.05 11.66 -18.00
CA ILE B 246 21.64 10.29 -18.30
CA ILE B 246 21.55 10.34 -18.20
C ILE B 246 22.50 9.23 -17.62
N LYS B 247 23.85 9.45 -17.62
CA LYS B 247 24.76 8.47 -17.05
C LYS B 247 24.50 8.33 -15.52
N LYS B 248 24.18 9.46 -14.84
CA LYS B 248 23.90 9.40 -13.38
C LYS B 248 22.58 8.65 -13.11
N VAL B 249 21.56 8.87 -13.99
CA VAL B 249 20.33 8.20 -13.76
C VAL B 249 20.47 6.67 -13.98
N LEU B 250 21.21 6.32 -15.08
CA LEU B 250 21.46 4.91 -15.32
C LEU B 250 22.21 4.18 -14.15
N LEU B 251 23.25 4.90 -13.61
CA LEU B 251 23.92 4.29 -12.44
C LEU B 251 22.98 4.08 -11.21
N GLU B 252 22.01 5.03 -11.01
CA GLU B 252 21.03 4.86 -9.97
C GLU B 252 20.14 3.61 -10.19
N MET B 253 19.69 3.46 -11.51
CA MET B 253 18.87 2.27 -11.82
C MET B 253 19.60 0.92 -11.60
N ARG B 254 20.94 0.98 -11.96
CA ARG B 254 21.77 -0.18 -11.76
C ARG B 254 22.02 -0.64 -10.28
N LYS B 255 21.61 0.25 -9.35
CA LYS B 255 21.61 -0.22 -7.96
C LYS B 255 20.54 -1.28 -7.65
N PHE B 256 19.50 -1.32 -8.57
CA PHE B 256 18.38 -2.19 -8.36
C PHE B 256 18.34 -3.50 -9.21
N ARG B 257 19.01 -3.40 -10.40
CA ARG B 257 19.20 -4.67 -11.23
C ARG B 257 20.50 -4.48 -12.04
N MET B 258 21.23 -5.60 -12.09
CA MET B 258 22.56 -5.59 -12.83
C MET B 258 22.38 -5.43 -14.37
N GLY B 259 23.37 -4.78 -15.04
CA GLY B 259 23.52 -4.93 -16.48
C GLY B 259 22.57 -4.08 -17.30
N LEU B 260 21.81 -3.14 -16.69
CA LEU B 260 20.84 -2.35 -17.51
C LEU B 260 21.61 -1.54 -18.56
N ILE B 261 21.17 -1.72 -19.81
CA ILE B 261 21.79 -1.18 -21.05
C ILE B 261 23.00 -2.10 -21.35
N GLN B 262 22.93 -2.87 -22.43
CA GLN B 262 23.87 -3.97 -22.79
CA GLN B 262 23.94 -3.92 -22.74
C GLN B 262 24.98 -3.56 -23.79
N THR B 263 24.76 -2.48 -24.50
CA THR B 263 25.64 -2.05 -25.58
C THR B 263 25.81 -0.54 -25.71
N ALA B 264 26.90 -0.04 -26.33
CA ALA B 264 27.07 1.36 -26.63
C ALA B 264 25.92 1.91 -27.53
N ASP B 265 25.49 1.09 -28.53
CA ASP B 265 24.45 1.52 -29.38
C ASP B 265 23.06 1.70 -28.58
N GLN B 266 22.82 0.79 -27.64
CA GLN B 266 21.61 1.03 -26.76
C GLN B 266 21.74 2.34 -25.98
N LEU B 267 22.98 2.64 -25.48
CA LEU B 267 23.19 3.93 -24.80
C LEU B 267 22.88 5.15 -25.68
N ARG B 268 23.44 5.16 -26.90
CA ARG B 268 23.21 6.22 -27.83
C ARG B 268 21.65 6.36 -28.15
N PHE B 269 21.05 5.19 -28.36
CA PHE B 269 19.58 5.18 -28.65
C PHE B 269 18.77 5.80 -27.49
N SER B 270 19.17 5.49 -26.23
CA SER B 270 18.50 6.09 -25.07
C SER B 270 18.64 7.59 -25.07
N TYR B 271 19.84 8.11 -25.29
CA TYR B 271 20.02 9.55 -25.41
C TYR B 271 19.10 10.20 -26.51
N LEU B 272 19.09 9.56 -27.71
CA LEU B 272 18.31 10.06 -28.81
C LEU B 272 16.78 10.09 -28.40
N ALA B 273 16.33 9.01 -27.78
CA ALA B 273 14.94 8.96 -27.38
C ALA B 273 14.55 10.10 -26.38
N VAL B 274 15.43 10.33 -25.42
CA VAL B 274 15.16 11.42 -24.47
C VAL B 274 15.19 12.77 -25.12
N ILE B 275 16.16 13.05 -26.00
CA ILE B 275 16.24 14.34 -26.66
C ILE B 275 14.98 14.59 -27.59
N GLU B 276 14.64 13.58 -28.43
CA GLU B 276 13.50 13.75 -29.29
C GLU B 276 12.17 13.88 -28.49
N GLY B 277 12.07 13.09 -27.44
CA GLY B 277 10.86 13.16 -26.58
C GLY B 277 10.73 14.55 -25.96
N ALA B 278 11.81 15.04 -25.40
CA ALA B 278 11.78 16.41 -24.75
C ALA B 278 11.50 17.54 -25.71
N LYS B 279 11.99 17.42 -27.01
CA LYS B 279 11.69 18.44 -28.01
C LYS B 279 10.13 18.51 -28.28
N PHE B 280 9.47 17.36 -28.23
CA PHE B 280 8.00 17.32 -28.45
C PHE B 280 7.19 17.81 -27.21
N ILE B 281 7.55 17.30 -26.04
CA ILE B 281 6.77 17.55 -24.79
C ILE B 281 7.02 18.90 -24.22
N MET B 282 8.24 19.41 -24.36
CA MET B 282 8.69 20.66 -23.86
C MET B 282 8.90 21.80 -24.85
N GLY B 283 9.45 21.52 -26.02
CA GLY B 283 9.73 22.54 -27.02
C GLY B 283 10.98 22.22 -27.77
N ASP B 284 11.01 22.62 -29.06
CA ASP B 284 12.19 22.35 -30.03
C ASP B 284 13.08 23.57 -30.37
C13 YW9 C . -9.45 16.98 16.80
C14 YW9 C . -8.36 17.51 17.46
C11 YW9 C . -9.43 16.57 15.47
C10 YW9 C . -8.20 16.70 14.79
C9 YW9 C . -7.10 17.23 15.44
C8 YW9 C . -7.14 17.65 16.78
C7 YW9 C . -4.07 19.16 17.85
C5 YW9 C . -5.11 19.10 16.93
C6 YW9 C . -5.30 19.92 15.74
C2 YW9 C . -4.35 18.14 18.81
C1 YW9 C . -3.60 17.71 20.06
N3 YW9 C . -5.50 17.50 18.52
N4 YW9 C . -5.93 18.09 17.36
N12 YW9 C . -10.55 16.03 14.85
C13 YW9 D . 4.01 2.29 -9.19
C14 YW9 D . 4.78 2.95 -8.22
C11 YW9 D . 3.46 3.03 -10.24
C10 YW9 D . 3.65 4.38 -10.28
C9 YW9 D . 4.43 5.05 -9.32
C8 YW9 D . 4.99 4.33 -8.28
C7 YW9 D . 6.61 6.49 -5.74
C5 YW9 D . 5.47 6.11 -6.44
C6 YW9 D . 4.17 6.74 -6.46
C2 YW9 D . 7.62 5.53 -6.16
C1 YW9 D . 9.09 5.45 -5.82
N3 YW9 D . 7.10 4.70 -7.07
N4 YW9 D . 5.80 5.02 -7.25
N12 YW9 D . 2.66 2.35 -11.33
MG MG E . -9.08 -16.26 -35.03
CL CL F . 6.46 -12.85 -30.92
S DMS G . 15.32 -27.22 -9.63
O DMS G . 16.09 -26.43 -10.63
C1 DMS G . 14.01 -28.22 -10.25
C2 DMS G . 16.20 -28.55 -9.05
#